data_9MPU
#
_entry.id   9MPU
#
_cell.length_a   1.00
_cell.length_b   1.00
_cell.length_c   1.00
_cell.angle_alpha   90.00
_cell.angle_beta   90.00
_cell.angle_gamma   90.00
#
_symmetry.space_group_name_H-M   'P 1'
#
loop_
_entity.id
_entity.type
_entity.pdbx_description
1 polymer 'NSFL1 cofactor p47'
2 polymer 'Transitional endoplasmic reticulum ATPase'
#
loop_
_entity_poly.entity_id
_entity_poly.type
_entity_poly.pdbx_seq_one_letter_code
_entity_poly.pdbx_strand_id
1 'polypeptide(L)'
;MHHHHHHHHHHDLGTENLYFQSMMAAERQEALREFVAVTGAEEDRARFFLESAGWDLQIALASFYEDGGDEDIVTISQAT
PSSVSRGTAPSDNRVTSFRDLIHDQDEDEEEEEGQRFYAGGSERSGQQIVGPPRKKSPNELVDDLFKGAKEHGAVAVERV
TKSPGETSKPRPFAGGGYRLGAAPEEESAYVAGEKRQHSSQDVHVVLKLWKSGFSLDNGELRSYQDPSNAQFLESIRRGE
VPAELRRLAHGGQVNLDMEDHRDEDFVKPKGAFKAFTGEGQKLGSTAPQVLSTSSPAQQAENEAKASSSILIDESEPTTN
IQIRLADGGRLVQKFNHSHRISDIRLFIVDARPAMAATSFILMTTFPNKELADESQTLKEANLLNAVIVQRLT
;
B
2 'polypeptide(L)'
;MGDYKDDDDKGGGSGGLEVLFQGPGSMASGADSKGDDLSTAILKQKNRPNRLIVDEAINEDNSVVSLSQPKMDELQLFRG
DTVLLKGKKRREAVCIVLSDDTCSDEKIRMNRVVRNNLRVRLGDVISIQPCPDVKYGKRIHVLPIDDTVEGITGNLFEVY
LKPYFLEAYRPIRKGDIFLVRGGMRAVEFKVVETDPSPYCIVAPDTVIHCEGEPIKREDEEESLNEVGYDDIGGCRKQLA
QIKEMVELPLRHPALFKAIGVKPPRGILLYGPPGTGKTLIARAVANETGAFFFLINGPEIMSKLAGESESNLRKAFEEAE
KNAPAIIFIDELDAIAPKREKTHGEVERRIVSQLLTLMDGLKQRAHVIVMAATNRPNSIDPALRRFGRFDREVDIGIPDA
TGRLEILQIHTKNMKLADDVDLEQVANETHGHVGADLAALCSEAALQAIRKKMDLIDLEDETIDAEVMNSLAVTMDDFRW
ALSQSNPSALRETVVEVPQVTWEDIGGLEDVKRELQELVQYPVEHPDKFLKFGMTPSKGVLFYGPPGCGKTLLAKAIANE
CQANFISIKGPELLTMWFGESEANVREIFDKARQAAPCVLFFDELDSIAKARGGNIGDGGGAADRVINQILTEMDGMSTK
KNVFIIGATNRPDIIDPAILRPGRLDQLIYIPLPDEKSRVAILKANLRKSPVAKDVDLEFLAKMTNGFSGADLTEICQRA
CKLAIRESIESEIRRERERQTNPSAMEVEEDDPVPEIRRDHFEEAMRFARRSVSDNDIRKYEMFAQTLQQSRGFGSFRFP
SGNQGGAGPSQGSGGGTGGSVYTEDNDDDLYG
;
A
#
# COMPACT_ATOMS: atom_id res chain seq x y z
N PHE A 273 -3.30 29.05 11.43
CA PHE A 273 -3.24 27.60 11.35
C PHE A 273 -2.64 27.01 12.63
N LYS A 274 -3.08 27.53 13.77
CA LYS A 274 -2.58 27.07 15.05
C LYS A 274 -2.89 25.59 15.24
N ALA A 275 -1.89 24.84 15.71
CA ALA A 275 -2.04 23.40 15.91
C ALA A 275 -2.47 23.06 17.34
N PHE A 276 -2.78 24.05 18.16
CA PHE A 276 -3.27 23.84 19.52
C PHE A 276 -4.56 24.66 19.63
N THR A 277 -5.68 24.05 19.23
CA THR A 277 -6.96 24.75 19.22
C THR A 277 -8.07 23.71 19.28
N GLY A 278 -9.23 24.16 19.74
CA GLY A 278 -10.38 23.28 19.85
C GLY A 278 -10.09 22.09 20.75
N GLU A 279 -10.80 21.00 20.48
CA GLU A 279 -10.63 19.78 21.25
C GLU A 279 -11.33 18.64 20.53
N GLY A 280 -10.93 17.42 20.88
CA GLY A 280 -11.57 16.22 20.39
C GLY A 280 -11.91 15.37 21.60
N GLN A 281 -13.14 14.87 21.68
CA GLN A 281 -13.49 14.09 22.86
C GLN A 281 -12.58 12.87 22.97
N LYS A 282 -12.62 12.23 24.13
CA LYS A 282 -11.72 11.11 24.37
C LYS A 282 -11.92 9.96 23.40
N LEU A 283 -10.79 9.33 23.02
CA LEU A 283 -10.83 8.14 22.19
C LEU A 283 -11.51 6.98 22.90
N GLY A 284 -11.09 6.71 24.14
CA GLY A 284 -11.59 5.58 24.90
C GLY A 284 -12.08 5.94 26.29
N SER A 285 -12.20 4.94 27.16
CA SER A 285 -12.63 5.16 28.53
C SER A 285 -11.47 5.63 29.40
N THR A 286 -11.80 5.96 30.66
CA THR A 286 -10.80 6.37 31.64
C THR A 286 -9.82 5.23 31.93
N ALA A 287 -8.54 5.56 32.10
CA ALA A 287 -7.52 4.58 32.42
C ALA A 287 -6.96 4.88 33.80
N PRO A 288 -7.15 3.97 34.78
CA PRO A 288 -6.68 4.23 36.17
C PRO A 288 -5.17 4.06 36.37
N GLN A 289 -4.42 5.11 36.05
CA GLN A 289 -2.97 5.11 36.22
C GLN A 289 -2.62 5.79 37.54
N VAL A 290 -1.73 5.16 38.31
CA VAL A 290 -1.35 5.70 39.62
C VAL A 290 0.16 5.83 39.68
N LEU A 291 0.88 4.79 39.29
CA LEU A 291 2.34 4.76 39.33
C LEU A 291 2.87 4.96 40.74
N SER A 292 2.08 4.59 41.75
CA SER A 292 2.49 4.69 43.15
C SER A 292 3.27 3.44 43.57
N THR A 293 4.34 3.13 42.82
CA THR A 293 5.18 1.96 43.08
C THR A 293 6.60 2.37 43.44
N SER A 294 6.77 3.57 44.02
CA SER A 294 8.06 4.09 44.43
C SER A 294 8.83 4.70 43.27
N SER A 295 10.01 5.25 43.57
CA SER A 295 10.85 5.84 42.54
C SER A 295 11.30 4.76 41.56
N PRO A 296 11.35 5.06 40.25
CA PRO A 296 11.71 4.04 39.26
C PRO A 296 12.99 3.28 39.58
N ALA A 297 13.87 3.86 40.39
CA ALA A 297 15.06 3.11 40.82
C ALA A 297 14.65 1.88 41.63
N GLN A 298 13.63 2.03 42.47
CA GLN A 298 13.12 0.88 43.21
C GLN A 298 12.51 -0.14 42.26
N GLN A 299 11.78 0.34 41.24
CA GLN A 299 11.24 -0.57 40.23
C GLN A 299 12.36 -1.35 39.56
N ALA A 300 13.45 -0.67 39.21
CA ALA A 300 14.59 -1.35 38.58
C ALA A 300 15.20 -2.38 39.52
N GLU A 301 15.31 -2.04 40.81
CA GLU A 301 15.85 -3.00 41.78
C GLU A 301 14.97 -4.23 41.87
N ASN A 302 13.65 -4.04 41.93
CA ASN A 302 12.75 -5.18 42.01
C ASN A 302 12.77 -5.99 40.72
N GLU A 303 12.91 -5.31 39.57
CA GLU A 303 13.03 -6.03 38.31
C GLU A 303 14.30 -6.87 38.30
N ALA A 304 15.40 -6.34 38.81
CA ALA A 304 16.63 -7.12 38.90
C ALA A 304 16.44 -8.33 39.80
N LYS A 305 15.77 -8.13 40.94
CA LYS A 305 15.49 -9.26 41.83
C LYS A 305 14.68 -10.33 41.11
N ALA A 306 13.62 -9.92 40.41
CA ALA A 306 12.80 -10.89 39.67
C ALA A 306 13.60 -11.58 38.58
N SER A 307 14.46 -10.83 37.89
CA SER A 307 15.29 -11.42 36.84
C SER A 307 16.20 -12.49 37.43
N SER A 308 16.84 -12.18 38.56
CA SER A 308 17.65 -13.19 39.23
C SER A 308 16.80 -14.38 39.65
N SER A 309 15.52 -14.14 39.95
CA SER A 309 14.62 -15.22 40.31
C SER A 309 14.24 -16.08 39.11
N ILE A 310 14.46 -15.59 37.89
CA ILE A 310 14.19 -16.39 36.70
C ILE A 310 15.23 -17.50 36.60
N LEU A 311 14.77 -18.73 36.38
CA LEU A 311 15.65 -19.88 36.26
C LEU A 311 16.06 -20.04 34.80
N ILE A 312 17.31 -19.71 34.49
CA ILE A 312 17.84 -19.84 33.14
C ILE A 312 18.16 -21.32 32.88
N ASP A 313 17.61 -21.85 31.78
CA ASP A 313 17.80 -23.26 31.46
C ASP A 313 19.25 -23.58 31.10
N GLU A 314 19.98 -22.62 30.56
CA GLU A 314 21.37 -22.79 30.13
C GLU A 314 21.52 -23.63 28.87
N SER A 315 20.45 -24.25 28.40
CA SER A 315 20.51 -25.08 27.19
C SER A 315 19.72 -24.45 26.04
N GLU A 316 18.44 -24.17 26.26
CA GLU A 316 17.65 -23.53 25.22
C GLU A 316 18.10 -22.08 25.05
N PRO A 317 18.02 -21.53 23.84
CA PRO A 317 18.47 -20.15 23.62
C PRO A 317 17.74 -19.18 24.54
N THR A 318 18.34 -18.00 24.68
CA THR A 318 17.80 -16.94 25.52
C THR A 318 17.49 -15.72 24.68
N THR A 319 16.34 -15.10 24.96
CA THR A 319 15.89 -13.91 24.26
C THR A 319 15.43 -12.87 25.28
N ASN A 320 15.66 -11.61 24.95
CA ASN A 320 15.27 -10.49 25.81
C ASN A 320 13.99 -9.87 25.25
N ILE A 321 12.90 -10.00 26.02
CA ILE A 321 11.61 -9.42 25.67
C ILE A 321 11.44 -8.14 26.46
N GLN A 322 11.25 -7.02 25.76
CA GLN A 322 10.96 -5.74 26.38
C GLN A 322 9.46 -5.52 26.38
N ILE A 323 8.96 -4.91 27.46
CA ILE A 323 7.54 -4.73 27.68
C ILE A 323 7.21 -3.25 27.71
N ARG A 324 6.05 -2.90 27.15
CA ARG A 324 5.54 -1.55 27.14
C ARG A 324 4.40 -1.42 28.14
N LEU A 325 4.40 -0.33 28.89
CA LEU A 325 3.39 -0.05 29.90
C LEU A 325 2.61 1.20 29.52
N ALA A 326 1.41 1.33 30.09
CA ALA A 326 0.57 2.48 29.78
C ALA A 326 1.34 3.78 30.00
N ASP A 327 1.97 3.92 31.16
CA ASP A 327 2.80 5.09 31.40
C ASP A 327 4.11 5.00 30.63
N GLY A 328 4.59 3.77 30.38
CA GLY A 328 5.83 3.55 29.67
C GLY A 328 6.53 2.32 30.21
N GLY A 329 6.95 1.42 29.31
CA GLY A 329 7.57 0.18 29.73
C GLY A 329 9.08 0.12 29.50
N ARG A 330 9.48 -0.49 28.39
CA ARG A 330 10.89 -0.70 28.04
C ARG A 330 11.54 -1.72 28.96
N LEU A 331 10.75 -2.52 29.67
CA LEU A 331 11.29 -3.48 30.63
C LEU A 331 11.88 -4.66 29.88
N VAL A 332 13.15 -4.54 29.51
CA VAL A 332 13.84 -5.60 28.81
C VAL A 332 14.16 -6.72 29.79
N GLN A 333 13.83 -7.95 29.42
CA GLN A 333 14.12 -9.09 30.29
C GLN A 333 14.40 -10.33 29.46
N LYS A 334 15.53 -10.97 29.75
CA LYS A 334 15.89 -12.22 29.11
C LYS A 334 14.96 -13.34 29.56
N PHE A 335 14.70 -14.27 28.65
CA PHE A 335 13.78 -15.37 28.91
C PHE A 335 14.16 -16.57 28.08
N ASN A 336 13.46 -17.67 28.31
CA ASN A 336 13.69 -18.95 27.64
C ASN A 336 12.41 -19.39 26.94
N HIS A 337 12.42 -20.62 26.42
CA HIS A 337 11.30 -21.15 25.63
C HIS A 337 10.40 -22.07 26.42
N SER A 338 10.97 -22.90 27.29
CA SER A 338 10.20 -23.87 28.06
C SER A 338 9.23 -23.21 29.03
N HIS A 339 9.46 -21.97 29.43
CA HIS A 339 8.56 -21.30 30.34
C HIS A 339 7.16 -21.16 29.75
N ARG A 340 6.23 -20.73 30.59
CA ARG A 340 4.85 -20.46 30.23
C ARG A 340 4.59 -18.97 30.38
N ILE A 341 3.49 -18.50 29.78
CA ILE A 341 3.16 -17.09 29.92
C ILE A 341 2.89 -16.76 31.38
N SER A 342 2.53 -17.75 32.19
CA SER A 342 2.40 -17.52 33.63
C SER A 342 3.70 -16.99 34.20
N ASP A 343 4.84 -17.39 33.63
CA ASP A 343 6.13 -16.89 34.10
C ASP A 343 6.22 -15.38 33.97
N ILE A 344 5.92 -14.84 32.79
CA ILE A 344 5.96 -13.39 32.61
C ILE A 344 4.85 -12.72 33.40
N ARG A 345 3.68 -13.36 33.49
CA ARG A 345 2.58 -12.79 34.26
C ARG A 345 2.98 -12.62 35.72
N LEU A 346 3.78 -13.55 36.25
CA LEU A 346 4.24 -13.44 37.63
C LEU A 346 5.44 -12.50 37.75
N PHE A 347 6.32 -12.51 36.77
CA PHE A 347 7.51 -11.66 36.82
C PHE A 347 7.13 -10.19 36.78
N ILE A 348 6.13 -9.84 35.97
CA ILE A 348 5.69 -8.46 35.91
C ILE A 348 5.16 -8.00 37.26
N VAL A 349 4.40 -8.85 37.93
CA VAL A 349 3.88 -8.49 39.25
C VAL A 349 5.01 -8.38 40.25
N ASP A 350 5.99 -9.29 40.17
CA ASP A 350 7.13 -9.21 41.06
C ASP A 350 7.84 -7.88 40.90
N ALA A 351 8.16 -7.51 39.65
CA ALA A 351 8.84 -6.25 39.41
C ALA A 351 7.91 -5.07 39.64
N ARG A 352 6.60 -5.26 39.49
CA ARG A 352 5.61 -4.22 39.72
C ARG A 352 4.52 -4.79 40.63
N PRO A 353 4.79 -4.90 41.93
CA PRO A 353 3.78 -5.45 42.84
C PRO A 353 2.44 -4.74 42.79
N ALA A 354 2.44 -3.45 42.47
CA ALA A 354 1.17 -2.73 42.36
C ALA A 354 0.25 -3.40 41.36
N MET A 355 0.81 -4.04 40.34
CA MET A 355 0.00 -4.78 39.37
C MET A 355 -0.70 -5.95 40.02
N ALA A 356 -0.22 -6.41 41.18
CA ALA A 356 -0.87 -7.53 41.86
C ALA A 356 -2.32 -7.19 42.17
N ALA A 357 -2.58 -5.96 42.62
CA ALA A 357 -3.94 -5.51 42.89
C ALA A 357 -4.65 -5.04 41.63
N THR A 358 -3.95 -4.94 40.51
CA THR A 358 -4.51 -4.45 39.25
C THR A 358 -4.32 -5.53 38.19
N SER A 359 -5.41 -6.23 37.87
CA SER A 359 -5.34 -7.29 36.87
C SER A 359 -4.86 -6.74 35.54
N PHE A 360 -4.01 -7.51 34.85
CA PHE A 360 -3.39 -7.09 33.61
C PHE A 360 -3.64 -8.12 32.53
N ILE A 361 -3.73 -7.63 31.30
CA ILE A 361 -3.94 -8.46 30.11
C ILE A 361 -2.87 -8.10 29.10
N LEU A 362 -2.23 -9.12 28.53
CA LEU A 362 -1.18 -8.92 27.53
C LEU A 362 -1.68 -9.40 26.17
N MET A 363 -1.38 -8.61 25.14
CA MET A 363 -1.78 -8.93 23.78
C MET A 363 -0.65 -8.61 22.82
N THR A 364 -0.58 -9.37 21.74
CA THR A 364 0.37 -9.07 20.68
C THR A 364 -0.12 -7.86 19.87
N THR A 365 0.61 -7.53 18.82
CA THR A 365 0.31 -6.36 17.99
C THR A 365 0.32 -6.72 16.51
N PHE A 366 -0.65 -6.19 15.77
CA PHE A 366 -0.73 -6.37 14.33
C PHE A 366 -0.60 -7.83 13.93
N PRO A 367 -1.63 -8.65 14.13
CA PRO A 367 -2.94 -8.31 14.72
C PRO A 367 -2.85 -8.13 16.22
N ASN A 368 -3.73 -7.34 16.83
CA ASN A 368 -3.69 -7.12 18.28
C ASN A 368 -4.40 -8.27 18.98
N LYS A 369 -3.92 -9.49 18.70
CA LYS A 369 -4.53 -10.68 19.25
C LYS A 369 -4.28 -10.78 20.76
N GLU A 370 -5.36 -10.89 21.52
CA GLU A 370 -5.25 -11.00 22.98
C GLU A 370 -4.69 -12.37 23.35
N LEU A 371 -3.67 -12.38 24.21
CA LEU A 371 -3.03 -13.61 24.64
C LEU A 371 -3.73 -14.09 25.89
N ALA A 372 -4.66 -15.04 25.72
CA ALA A 372 -5.51 -15.50 26.83
C ALA A 372 -4.91 -16.68 27.60
N ASP A 373 -4.64 -17.78 26.91
CA ASP A 373 -4.12 -18.97 27.58
C ASP A 373 -2.72 -18.77 28.11
N GLU A 374 -2.52 -19.14 29.38
CA GLU A 374 -1.23 -19.10 30.04
C GLU A 374 -0.53 -20.46 30.10
N SER A 375 -1.31 -21.54 30.15
CA SER A 375 -0.73 -22.88 30.28
C SER A 375 0.18 -23.22 29.11
N GLN A 376 -0.06 -22.62 27.95
CA GLN A 376 0.82 -22.85 26.81
C GLN A 376 2.21 -22.29 27.09
N THR A 377 3.23 -23.05 26.68
CA THR A 377 4.60 -22.57 26.83
C THR A 377 4.89 -21.48 25.82
N LEU A 378 5.99 -20.76 26.04
CA LEU A 378 6.39 -19.74 25.08
C LEU A 378 6.67 -20.36 23.73
N LYS A 379 7.32 -21.53 23.71
CA LYS A 379 7.51 -22.22 22.45
C LYS A 379 6.16 -22.59 21.83
N GLU A 380 5.21 -23.06 22.65
CA GLU A 380 3.88 -23.35 22.12
C GLU A 380 3.25 -22.08 21.57
N ALA A 381 3.41 -20.97 22.29
CA ALA A 381 2.88 -19.68 21.83
C ALA A 381 3.77 -19.02 20.80
N ASN A 382 4.95 -19.60 20.55
CA ASN A 382 5.98 -19.07 19.65
C ASN A 382 6.13 -17.56 19.78
N LEU A 383 6.03 -17.04 20.99
CA LEU A 383 6.18 -15.62 21.26
C LEU A 383 7.44 -15.45 22.09
N LEU A 384 8.57 -15.33 21.39
CA LEU A 384 9.89 -15.16 21.98
C LEU A 384 10.42 -13.78 21.64
N ASN A 385 9.56 -12.77 21.79
CA ASN A 385 9.87 -11.45 21.22
C ASN A 385 8.96 -10.41 21.86
N ALA A 386 9.31 -9.14 21.62
CA ALA A 386 8.67 -7.99 22.26
C ALA A 386 7.35 -7.60 21.58
N VAL A 387 6.33 -8.41 21.82
CA VAL A 387 4.96 -8.03 21.48
C VAL A 387 4.15 -7.97 22.79
N ILE A 388 4.84 -7.69 23.89
CA ILE A 388 4.23 -7.70 25.21
C ILE A 388 3.90 -6.25 25.59
N VAL A 389 2.62 -5.89 25.48
CA VAL A 389 2.12 -4.58 25.87
C VAL A 389 1.00 -4.82 26.88
N GLN A 390 0.91 -3.96 27.89
CA GLN A 390 -0.05 -4.13 28.97
C GLN A 390 -1.27 -3.24 28.77
N ARG A 391 -2.45 -3.84 28.97
CA ARG A 391 -3.73 -3.14 28.92
C ARG A 391 -4.50 -3.39 30.20
N LEU A 392 -5.35 -2.43 30.55
CA LEU A 392 -6.17 -2.57 31.76
C LEU A 392 -7.14 -3.73 31.60
N THR A 393 -7.35 -4.46 32.69
CA THR A 393 -8.25 -5.60 32.69
C THR A 393 -9.55 -5.26 33.42
N ARG B 48 26.83 -1.42 4.19
CA ARG B 48 26.30 -1.18 5.52
C ARG B 48 25.05 -2.02 5.75
N PRO B 49 24.96 -2.67 6.92
CA PRO B 49 23.78 -3.53 7.17
C PRO B 49 22.47 -2.77 7.17
N ASN B 50 22.45 -1.52 7.65
CA ASN B 50 21.21 -0.77 7.69
C ASN B 50 20.70 -0.38 6.30
N ARG B 51 21.54 -0.48 5.27
CA ARG B 51 21.09 -0.19 3.92
C ARG B 51 20.28 -1.36 3.38
N LEU B 52 19.07 -1.07 2.90
CA LEU B 52 18.21 -2.11 2.35
C LEU B 52 17.52 -1.59 1.09
N ILE B 53 17.23 -2.52 0.19
CA ILE B 53 16.59 -2.21 -1.09
C ILE B 53 15.09 -2.33 -0.93
N VAL B 54 14.35 -1.27 -1.28
CA VAL B 54 12.91 -1.27 -1.12
C VAL B 54 12.26 -2.24 -2.10
N ASP B 55 11.16 -2.84 -1.67
CA ASP B 55 10.41 -3.81 -2.45
C ASP B 55 8.94 -3.73 -2.06
N GLU B 56 8.09 -4.29 -2.92
CA GLU B 56 6.66 -4.27 -2.66
C GLU B 56 6.34 -5.15 -1.46
N ALA B 57 5.27 -4.80 -0.74
CA ALA B 57 4.83 -5.51 0.46
C ALA B 57 3.53 -6.26 0.18
N ILE B 58 3.52 -7.55 0.52
CA ILE B 58 2.31 -8.34 0.39
C ILE B 58 1.28 -7.95 1.45
N ASN B 59 1.74 -7.71 2.69
CA ASN B 59 0.82 -7.28 3.74
C ASN B 59 0.24 -5.92 3.42
N GLU B 60 -1.08 -5.86 3.28
CA GLU B 60 -1.76 -4.63 2.90
C GLU B 60 -1.88 -3.61 4.01
N ASP B 61 -1.51 -3.95 5.24
CA ASP B 61 -1.63 -2.98 6.32
C ASP B 61 -0.75 -1.76 6.03
N ASN B 62 -1.24 -0.59 6.44
CA ASN B 62 -0.56 0.66 6.13
C ASN B 62 0.70 0.89 6.95
N SER B 63 0.93 0.17 8.05
CA SER B 63 2.08 0.43 8.90
C SER B 63 2.85 -0.85 9.22
N VAL B 64 3.14 -1.67 8.22
CA VAL B 64 3.93 -2.88 8.41
C VAL B 64 5.06 -2.93 7.41
N VAL B 65 6.26 -3.23 7.89
CA VAL B 65 7.45 -3.39 7.07
C VAL B 65 7.88 -4.85 7.18
N SER B 66 7.90 -5.56 6.06
CA SER B 66 8.28 -6.96 6.07
C SER B 66 9.76 -7.14 5.79
N LEU B 67 10.40 -8.01 6.59
CA LEU B 67 11.83 -8.27 6.51
C LEU B 67 12.07 -9.76 6.67
N SER B 68 13.21 -10.22 6.16
CA SER B 68 13.57 -11.62 6.31
C SER B 68 14.03 -11.91 7.73
N GLN B 69 13.65 -13.08 8.24
CA GLN B 69 14.05 -13.48 9.58
C GLN B 69 15.56 -13.42 9.79
N PRO B 70 16.38 -13.94 8.87
CA PRO B 70 17.84 -13.79 9.05
C PRO B 70 18.24 -12.33 9.23
N LYS B 71 17.71 -11.45 8.39
CA LYS B 71 18.06 -10.04 8.49
C LYS B 71 17.51 -9.44 9.79
N MET B 72 16.33 -9.87 10.21
CA MET B 72 15.77 -9.36 11.46
C MET B 72 16.69 -9.67 12.62
N ASP B 73 17.13 -10.93 12.73
CA ASP B 73 17.99 -11.28 13.84
C ASP B 73 19.36 -10.61 13.71
N GLU B 74 19.88 -10.52 12.48
CA GLU B 74 21.16 -9.86 12.28
C GLU B 74 21.09 -8.40 12.72
N LEU B 75 19.98 -7.73 12.42
CA LEU B 75 19.77 -6.35 12.84
C LEU B 75 19.29 -6.24 14.29
N GLN B 76 19.03 -7.37 14.95
CA GLN B 76 18.52 -7.38 16.32
C GLN B 76 17.21 -6.60 16.40
N LEU B 77 16.39 -6.71 15.36
CA LEU B 77 15.09 -6.05 15.30
C LEU B 77 14.02 -7.07 15.64
N PHE B 78 13.21 -6.77 16.64
CA PHE B 78 12.15 -7.67 17.06
C PHE B 78 10.83 -7.24 16.43
N ARG B 79 10.13 -8.17 15.80
CA ARG B 79 8.82 -7.88 15.23
C ARG B 79 7.96 -7.10 16.22
N GLY B 80 7.23 -6.12 15.70
CA GLY B 80 6.37 -5.29 16.49
C GLY B 80 7.06 -4.09 17.12
N ASP B 81 8.35 -3.91 16.89
CA ASP B 81 9.08 -2.76 17.38
C ASP B 81 9.03 -1.63 16.36
N THR B 82 9.16 -0.40 16.84
CA THR B 82 9.17 0.75 15.96
C THR B 82 10.52 0.87 15.26
N VAL B 83 10.50 1.39 14.04
CA VAL B 83 11.70 1.60 13.24
C VAL B 83 11.61 2.97 12.59
N LEU B 84 12.75 3.67 12.54
CA LEU B 84 12.83 5.02 11.99
C LEU B 84 13.51 4.98 10.63
N LEU B 85 12.72 4.76 9.59
CA LEU B 85 13.26 4.70 8.23
C LEU B 85 13.73 6.08 7.78
N LYS B 86 14.86 6.11 7.08
CA LYS B 86 15.41 7.34 6.53
C LYS B 86 15.23 7.34 5.02
N GLY B 87 14.61 8.38 4.49
CA GLY B 87 14.34 8.48 3.08
C GLY B 87 15.45 9.17 2.31
N LYS B 88 15.10 9.65 1.11
CA LYS B 88 16.08 10.30 0.26
C LYS B 88 16.33 11.74 0.68
N LYS B 89 15.28 12.56 0.65
CA LYS B 89 15.41 13.98 0.97
C LYS B 89 15.15 14.21 2.46
N ARG B 90 15.94 13.53 3.28
CA ARG B 90 15.83 13.62 4.73
C ARG B 90 14.44 13.27 5.22
N ARG B 91 13.75 12.39 4.49
CA ARG B 91 12.43 11.95 4.90
C ARG B 91 12.55 10.87 5.97
N GLU B 92 11.69 10.94 6.97
CA GLU B 92 11.68 9.95 8.04
C GLU B 92 10.28 9.36 8.18
N ALA B 93 10.20 8.04 8.19
CA ALA B 93 8.95 7.31 8.35
C ALA B 93 9.09 6.33 9.50
N VAL B 94 8.24 6.47 10.52
CA VAL B 94 8.23 5.56 11.64
C VAL B 94 7.23 4.45 11.34
N CYS B 95 7.71 3.21 11.29
CA CYS B 95 6.84 2.07 11.03
C CYS B 95 7.20 0.94 11.99
N ILE B 96 6.58 -0.22 11.77
CA ILE B 96 6.81 -1.43 12.57
C ILE B 96 7.32 -2.53 11.65
N VAL B 97 8.30 -3.28 12.13
CA VAL B 97 8.89 -4.38 11.38
C VAL B 97 8.16 -5.68 11.69
N LEU B 98 8.00 -6.52 10.66
CA LEU B 98 7.36 -7.82 10.74
C LEU B 98 8.18 -8.80 9.91
N SER B 99 8.29 -10.04 10.39
CA SER B 99 9.02 -11.05 9.65
C SER B 99 8.25 -11.51 8.41
N ASP B 100 9.01 -11.91 7.40
CA ASP B 100 8.46 -12.47 6.17
C ASP B 100 9.44 -13.52 5.65
N ASP B 101 8.99 -14.78 5.56
CA ASP B 101 9.84 -15.82 5.01
C ASP B 101 10.21 -15.53 3.56
N THR B 102 9.23 -15.16 2.74
CA THR B 102 9.46 -14.89 1.32
C THR B 102 9.96 -13.46 1.12
N CYS B 103 11.16 -13.20 1.63
CA CYS B 103 11.79 -11.91 1.50
C CYS B 103 13.30 -12.08 1.54
N SER B 104 13.99 -11.46 0.59
CA SER B 104 15.44 -11.50 0.58
C SER B 104 15.99 -10.65 1.73
N ASP B 105 17.20 -10.98 2.16
CA ASP B 105 17.81 -10.28 3.29
C ASP B 105 17.94 -8.78 3.04
N GLU B 106 18.52 -8.39 1.89
CA GLU B 106 18.63 -6.95 1.60
C GLU B 106 17.28 -6.33 1.28
N LYS B 107 16.35 -7.09 0.74
CA LYS B 107 15.06 -6.53 0.35
C LYS B 107 14.21 -6.22 1.58
N ILE B 108 13.58 -5.06 1.53
CA ILE B 108 12.63 -4.60 2.55
C ILE B 108 11.32 -4.30 1.84
N ARG B 109 10.26 -4.97 2.26
CA ARG B 109 8.95 -4.83 1.64
C ARG B 109 8.20 -3.69 2.32
N MET B 110 7.60 -2.82 1.51
CA MET B 110 6.90 -1.66 2.03
C MET B 110 5.61 -1.43 1.25
N ASN B 111 4.67 -0.75 1.91
CA ASN B 111 3.42 -0.34 1.29
C ASN B 111 3.56 0.98 0.54
N ARG B 112 2.62 1.23 -0.38
CA ARG B 112 2.67 2.44 -1.19
C ARG B 112 2.70 3.69 -0.32
N VAL B 113 1.89 3.72 0.73
CA VAL B 113 1.78 4.91 1.58
C VAL B 113 3.12 5.28 2.18
N VAL B 114 3.83 4.29 2.74
CA VAL B 114 5.12 4.58 3.34
C VAL B 114 6.11 5.04 2.27
N ARG B 115 6.11 4.35 1.13
CA ARG B 115 7.01 4.75 0.04
C ARG B 115 6.81 6.22 -0.31
N ASN B 116 5.56 6.62 -0.53
CA ASN B 116 5.27 8.01 -0.86
C ASN B 116 5.70 8.93 0.27
N ASN B 117 5.44 8.52 1.52
CA ASN B 117 5.85 9.33 2.65
C ASN B 117 7.36 9.57 2.64
N LEU B 118 8.13 8.57 2.22
CA LEU B 118 9.58 8.71 2.12
C LEU B 118 10.04 9.26 0.78
N ARG B 119 9.12 9.53 -0.14
CA ARG B 119 9.49 9.99 -1.48
C ARG B 119 10.48 9.02 -2.10
N VAL B 120 10.19 7.73 -1.94
CA VAL B 120 11.06 6.65 -2.40
C VAL B 120 10.29 5.70 -3.29
N ARG B 121 10.95 5.22 -4.34
CA ARG B 121 10.38 4.25 -5.26
C ARG B 121 11.08 2.90 -5.09
N LEU B 122 10.47 1.87 -5.67
CA LEU B 122 11.01 0.53 -5.60
C LEU B 122 12.43 0.48 -6.14
N GLY B 123 13.28 -0.32 -5.48
CA GLY B 123 14.67 -0.47 -5.89
C GLY B 123 15.64 0.52 -5.29
N ASP B 124 15.15 1.53 -4.57
CA ASP B 124 16.04 2.47 -3.89
C ASP B 124 16.61 1.83 -2.62
N VAL B 125 17.54 2.54 -1.98
CA VAL B 125 18.21 2.07 -0.77
C VAL B 125 17.75 2.95 0.38
N ILE B 126 17.34 2.31 1.48
CA ILE B 126 16.89 3.01 2.67
C ILE B 126 17.64 2.49 3.89
N SER B 127 17.73 3.35 4.90
CA SER B 127 18.40 3.03 6.14
C SER B 127 17.35 2.76 7.22
N ILE B 128 17.47 1.63 7.90
CA ILE B 128 16.53 1.25 8.94
C ILE B 128 17.30 0.97 10.22
N GLN B 129 16.83 1.52 11.33
CA GLN B 129 17.41 1.24 12.63
C GLN B 129 16.29 1.24 13.66
N PRO B 130 16.45 0.51 14.76
CA PRO B 130 15.42 0.54 15.80
C PRO B 130 15.33 1.92 16.44
N CYS B 131 14.13 2.29 16.85
CA CYS B 131 13.87 3.57 17.50
C CYS B 131 13.07 3.33 18.77
N PRO B 132 13.72 2.75 19.79
CA PRO B 132 13.00 2.44 21.04
C PRO B 132 12.48 3.68 21.74
N ASP B 133 13.04 4.85 21.42
CA ASP B 133 12.65 6.11 22.04
C ASP B 133 11.34 6.63 21.42
N VAL B 134 10.26 5.94 21.77
CA VAL B 134 8.91 6.32 21.34
C VAL B 134 8.06 6.51 22.59
N LYS B 135 7.32 7.62 22.62
CA LYS B 135 6.48 7.97 23.75
C LYS B 135 5.02 8.00 23.33
N TYR B 136 4.13 7.74 24.28
CA TYR B 136 2.69 7.80 24.05
C TYR B 136 2.27 9.26 24.02
N GLY B 137 2.32 9.86 22.83
CA GLY B 137 1.95 11.25 22.70
C GLY B 137 0.49 11.48 23.07
N LYS B 138 0.22 12.62 23.69
CA LYS B 138 -1.14 12.95 24.11
C LYS B 138 -1.86 13.77 23.04
N ARG B 139 -1.29 14.92 22.68
CA ARG B 139 -1.89 15.81 21.69
C ARG B 139 -1.33 15.47 20.31
N ILE B 140 -2.18 14.94 19.43
CA ILE B 140 -1.81 14.62 18.06
C ILE B 140 -2.81 15.31 17.14
N HIS B 141 -2.31 16.19 16.27
CA HIS B 141 -3.14 16.95 15.34
C HIS B 141 -3.01 16.38 13.93
N VAL B 142 -4.12 15.87 13.38
CA VAL B 142 -4.16 15.28 12.04
C VAL B 142 -5.21 16.02 11.23
N LEU B 143 -4.93 16.23 9.94
CA LEU B 143 -5.84 16.94 9.05
C LEU B 143 -6.12 16.15 7.79
N PRO B 144 -7.32 16.30 7.22
CA PRO B 144 -7.65 15.65 5.94
C PRO B 144 -7.10 16.43 4.76
N ILE B 145 -7.27 15.87 3.56
CA ILE B 145 -6.83 16.50 2.32
C ILE B 145 -8.06 16.89 1.50
N ASP B 146 -8.09 18.16 1.08
CA ASP B 146 -9.26 18.72 0.40
C ASP B 146 -9.66 17.96 -0.85
N ASP B 147 -8.69 17.58 -1.69
CA ASP B 147 -8.99 16.94 -2.96
C ASP B 147 -9.77 15.64 -2.85
N THR B 148 -9.81 15.01 -1.68
CA THR B 148 -10.55 13.77 -1.52
C THR B 148 -11.79 13.90 -0.64
N VAL B 149 -11.91 14.95 0.16
CA VAL B 149 -13.05 15.13 1.05
C VAL B 149 -14.08 16.10 0.48
N GLU B 150 -13.83 16.65 -0.70
CA GLU B 150 -14.77 17.60 -1.29
C GLU B 150 -16.14 16.95 -1.44
N GLY B 151 -17.17 17.70 -1.06
CA GLY B 151 -18.52 17.19 -1.12
C GLY B 151 -18.85 16.11 -0.12
N ILE B 152 -17.95 15.85 0.83
CA ILE B 152 -18.16 14.83 1.87
C ILE B 152 -18.32 15.58 3.19
N THR B 153 -19.44 15.35 3.85
CA THR B 153 -19.77 16.02 5.10
C THR B 153 -19.78 15.04 6.26
N GLY B 154 -20.10 15.56 7.44
CA GLY B 154 -20.01 14.80 8.66
C GLY B 154 -18.60 14.81 9.22
N ASN B 155 -18.49 14.88 10.54
CA ASN B 155 -17.18 14.93 11.19
C ASN B 155 -16.32 13.77 10.75
N LEU B 156 -15.07 14.07 10.37
CA LEU B 156 -14.15 13.02 9.96
C LEU B 156 -13.54 12.36 11.19
N PHE B 157 -14.40 11.94 12.12
CA PHE B 157 -14.00 11.27 13.33
C PHE B 157 -15.20 10.44 13.75
N GLU B 158 -14.95 9.29 14.36
CA GLU B 158 -15.94 8.27 14.65
C GLU B 158 -16.39 7.58 13.37
N VAL B 159 -15.85 7.97 12.22
CA VAL B 159 -16.19 7.40 10.93
C VAL B 159 -14.97 6.80 10.24
N TYR B 160 -13.91 7.61 10.09
CA TYR B 160 -12.67 7.17 9.47
C TYR B 160 -11.52 7.14 10.46
N LEU B 161 -11.20 8.28 11.07
CA LEU B 161 -10.05 8.34 11.95
C LEU B 161 -10.19 7.40 13.13
N LYS B 162 -11.35 7.42 13.79
CA LYS B 162 -11.58 6.56 14.94
C LYS B 162 -11.42 5.08 14.62
N PRO B 163 -12.10 4.52 13.62
CA PRO B 163 -11.89 3.09 13.33
C PRO B 163 -10.47 2.75 12.93
N TYR B 164 -9.80 3.64 12.19
CA TYR B 164 -8.43 3.34 11.79
C TYR B 164 -7.50 3.27 12.99
N PHE B 165 -7.57 4.26 13.88
CA PHE B 165 -6.70 4.27 15.05
C PHE B 165 -7.22 3.35 16.15
N LEU B 166 -8.41 3.63 16.66
CA LEU B 166 -9.00 2.87 17.75
C LEU B 166 -7.96 2.66 18.85
N GLU B 167 -7.42 1.44 18.96
CA GLU B 167 -6.42 1.12 19.98
C GLU B 167 -5.24 0.35 19.41
N ALA B 168 -5.08 0.35 18.09
CA ALA B 168 -4.01 -0.41 17.44
C ALA B 168 -2.61 0.06 17.79
N TYR B 169 -2.45 1.25 18.37
CA TYR B 169 -1.12 1.81 18.65
C TYR B 169 -0.31 1.99 17.36
N ARG B 170 -0.95 2.57 16.35
CA ARG B 170 -0.22 2.81 15.11
C ARG B 170 0.85 3.87 15.33
N PRO B 171 2.10 3.63 14.95
CA PRO B 171 3.12 4.66 15.07
C PRO B 171 2.87 5.80 14.11
N ILE B 172 3.32 7.00 14.49
CA ILE B 172 3.09 8.20 13.70
C ILE B 172 4.30 9.11 13.81
N ARG B 173 4.56 9.84 12.73
CA ARG B 173 5.64 10.83 12.69
C ARG B 173 5.08 12.11 12.08
N LYS B 174 5.70 13.23 12.44
CA LYS B 174 5.26 14.53 11.92
C LYS B 174 5.39 14.59 10.41
N GLY B 175 4.37 15.15 9.76
CA GLY B 175 4.37 15.32 8.31
C GLY B 175 4.02 14.08 7.52
N ASP B 176 3.68 12.98 8.17
CA ASP B 176 3.33 11.78 7.44
C ASP B 176 1.96 11.92 6.79
N ILE B 177 1.78 11.19 5.69
CA ILE B 177 0.51 11.13 4.97
C ILE B 177 0.04 9.69 5.00
N PHE B 178 -1.22 9.48 5.40
CA PHE B 178 -1.78 8.15 5.44
C PHE B 178 -3.19 8.18 4.87
N LEU B 179 -3.62 7.02 4.38
CA LEU B 179 -4.90 6.87 3.69
C LEU B 179 -5.83 5.99 4.52
N VAL B 180 -7.06 6.44 4.70
CA VAL B 180 -8.07 5.70 5.44
C VAL B 180 -9.25 5.43 4.51
N ARG B 181 -9.67 4.18 4.44
CA ARG B 181 -10.73 3.75 3.54
C ARG B 181 -12.05 3.62 4.30
N GLY B 182 -13.11 4.16 3.72
CA GLY B 182 -14.42 4.08 4.34
C GLY B 182 -15.43 4.79 3.48
N GLY B 183 -16.69 4.43 3.67
CA GLY B 183 -17.77 5.06 2.94
C GLY B 183 -17.55 5.03 1.43
N MET B 184 -16.99 3.94 0.93
CA MET B 184 -16.71 3.78 -0.49
C MET B 184 -15.81 4.88 -1.03
N ARG B 185 -14.99 5.47 -0.17
CA ARG B 185 -14.08 6.54 -0.54
C ARG B 185 -12.79 6.38 0.25
N ALA B 186 -11.67 6.81 -0.34
CA ALA B 186 -10.37 6.76 0.31
C ALA B 186 -9.96 8.18 0.70
N VAL B 187 -10.05 8.50 1.98
CA VAL B 187 -9.70 9.81 2.50
C VAL B 187 -8.26 9.81 3.01
N GLU B 188 -7.47 10.79 2.56
CA GLU B 188 -6.10 10.97 3.03
C GLU B 188 -6.07 11.86 4.25
N PHE B 189 -5.00 11.75 5.03
CA PHE B 189 -4.83 12.57 6.20
C PHE B 189 -3.35 12.89 6.41
N LYS B 190 -3.07 14.11 6.84
CA LYS B 190 -1.72 14.58 7.10
C LYS B 190 -1.54 14.83 8.59
N VAL B 191 -0.51 14.22 9.18
CA VAL B 191 -0.21 14.41 10.59
C VAL B 191 0.56 15.72 10.72
N VAL B 192 -0.15 16.81 11.00
CA VAL B 192 0.51 18.11 11.08
C VAL B 192 1.37 18.18 12.33
N GLU B 193 0.85 17.76 13.49
CA GLU B 193 1.60 17.89 14.72
C GLU B 193 1.30 16.71 15.65
N THR B 194 2.30 16.37 16.47
CA THR B 194 2.22 15.33 17.47
C THR B 194 2.81 15.85 18.77
N ASP B 195 2.30 15.38 19.90
CA ASP B 195 2.79 15.88 21.19
C ASP B 195 4.29 15.63 21.36
N PRO B 196 4.79 14.41 21.19
CA PRO B 196 6.25 14.23 21.23
C PRO B 196 6.84 14.50 19.85
N SER B 197 7.47 15.66 19.68
CA SER B 197 7.98 16.03 18.37
C SER B 197 9.24 15.22 18.04
N PRO B 198 9.29 14.54 16.89
CA PRO B 198 8.28 14.38 15.84
C PRO B 198 7.60 13.01 15.90
N TYR B 199 8.30 12.04 16.48
CA TYR B 199 7.82 10.67 16.54
C TYR B 199 6.74 10.50 17.59
N CYS B 200 5.73 9.70 17.28
CA CYS B 200 4.65 9.46 18.23
C CYS B 200 3.97 8.13 17.91
N ILE B 201 3.29 7.60 18.92
CA ILE B 201 2.48 6.41 18.80
C ILE B 201 1.13 6.68 19.45
N VAL B 202 0.04 6.42 18.72
CA VAL B 202 -1.26 6.69 19.28
C VAL B 202 -1.51 5.71 20.43
N ALA B 203 -2.23 6.17 21.43
CA ALA B 203 -2.57 5.36 22.59
C ALA B 203 -4.01 5.60 22.98
N PRO B 204 -4.64 4.65 23.67
CA PRO B 204 -6.01 4.87 24.14
C PRO B 204 -6.17 6.12 24.96
N ASP B 205 -5.09 6.66 25.52
CA ASP B 205 -5.13 7.92 26.25
C ASP B 205 -4.68 9.10 25.39
N THR B 206 -4.30 8.87 24.14
CA THR B 206 -3.95 9.95 23.22
C THR B 206 -5.19 10.77 22.86
N VAL B 207 -5.02 12.10 22.84
CA VAL B 207 -6.07 13.03 22.47
C VAL B 207 -5.88 13.43 21.00
N ILE B 208 -6.87 13.12 20.16
CA ILE B 208 -6.80 13.40 18.72
C ILE B 208 -7.64 14.62 18.39
N HIS B 209 -7.07 15.57 17.66
CA HIS B 209 -7.73 16.79 17.22
C HIS B 209 -7.91 16.75 15.70
N CYS B 210 -9.15 16.86 15.25
CA CYS B 210 -9.49 16.92 13.82
C CYS B 210 -10.36 18.16 13.63
N GLU B 211 -9.72 19.30 13.38
CA GLU B 211 -10.39 20.58 13.27
C GLU B 211 -10.91 20.89 11.86
N GLY B 212 -11.17 19.89 11.03
CA GLY B 212 -11.65 20.19 9.70
C GLY B 212 -10.64 20.96 8.87
N GLU B 213 -11.17 21.85 8.02
CA GLU B 213 -10.37 22.71 7.16
C GLU B 213 -9.37 21.89 6.36
N PRO B 214 -9.84 21.11 5.38
CA PRO B 214 -8.93 20.27 4.60
C PRO B 214 -7.83 21.09 3.94
N ILE B 215 -6.61 20.56 4.02
CA ILE B 215 -5.43 21.23 3.48
C ILE B 215 -5.24 20.84 2.03
N LYS B 216 -4.72 21.77 1.23
CA LYS B 216 -4.43 21.50 -0.17
C LYS B 216 -3.22 20.58 -0.31
N ARG B 217 -3.20 19.85 -1.42
CA ARG B 217 -2.11 18.92 -1.71
C ARG B 217 -0.93 19.69 -2.29
N GLU B 218 0.23 19.60 -1.63
CA GLU B 218 1.42 20.24 -2.16
C GLU B 218 1.97 19.45 -3.35
N ASP B 219 2.50 20.19 -4.33
CA ASP B 219 2.94 19.58 -5.59
C ASP B 219 4.00 18.50 -5.42
N GLU B 220 4.90 18.63 -4.45
CA GLU B 220 5.91 17.58 -4.26
C GLU B 220 5.25 16.25 -3.95
N GLU B 221 4.24 16.25 -3.09
CA GLU B 221 3.54 15.03 -2.74
C GLU B 221 2.83 14.47 -3.96
N GLU B 222 2.81 13.15 -4.07
CA GLU B 222 2.17 12.43 -5.17
C GLU B 222 0.92 11.77 -4.64
N SER B 223 -0.23 12.17 -5.17
CA SER B 223 -1.51 11.68 -4.68
C SER B 223 -1.62 10.18 -4.88
N LEU B 224 -2.10 9.50 -3.82
CA LEU B 224 -2.32 8.05 -3.86
C LEU B 224 -3.46 7.67 -4.79
N ASN B 225 -4.26 8.63 -5.25
CA ASN B 225 -5.29 8.33 -6.23
C ASN B 225 -4.69 7.81 -7.54
N GLU B 226 -3.43 8.14 -7.81
CA GLU B 226 -2.76 7.62 -8.99
C GLU B 226 -2.63 6.10 -8.93
N VAL B 227 -2.52 5.50 -10.10
CA VAL B 227 -2.45 4.05 -10.21
C VAL B 227 -1.11 3.55 -9.69
N GLY B 228 -1.16 2.42 -8.97
CA GLY B 228 0.04 1.77 -8.49
C GLY B 228 0.04 0.29 -8.81
N TYR B 229 1.17 -0.35 -8.52
CA TYR B 229 1.33 -1.77 -8.80
C TYR B 229 0.31 -2.63 -8.04
N ASP B 230 -0.20 -2.14 -6.91
CA ASP B 230 -1.20 -2.88 -6.16
C ASP B 230 -2.61 -2.69 -6.71
N ASP B 231 -2.79 -1.76 -7.65
CA ASP B 231 -4.11 -1.49 -8.21
C ASP B 231 -4.49 -2.45 -9.32
N ILE B 232 -3.58 -3.35 -9.70
CA ILE B 232 -3.83 -4.33 -10.76
C ILE B 232 -3.78 -5.71 -10.15
N GLY B 233 -4.77 -6.54 -10.51
CA GLY B 233 -4.82 -7.91 -10.03
C GLY B 233 -4.94 -8.86 -11.21
N GLY B 234 -4.68 -10.12 -10.92
CA GLY B 234 -4.80 -11.19 -11.91
C GLY B 234 -3.63 -11.40 -12.84
N CYS B 235 -3.15 -10.36 -13.50
CA CYS B 235 -2.05 -10.52 -14.45
C CYS B 235 -0.70 -10.38 -13.75
N ARG B 236 -0.55 -11.10 -12.65
CA ARG B 236 0.69 -11.02 -11.88
C ARG B 236 1.88 -11.52 -12.69
N LYS B 237 1.69 -12.61 -13.43
CA LYS B 237 2.78 -13.14 -14.23
C LYS B 237 3.19 -12.14 -15.32
N GLN B 238 2.21 -11.62 -16.04
CA GLN B 238 2.51 -10.65 -17.10
C GLN B 238 3.10 -9.39 -16.50
N LEU B 239 2.58 -8.96 -15.35
CA LEU B 239 3.11 -7.78 -14.70
C LEU B 239 4.57 -7.97 -14.30
N ALA B 240 4.91 -9.15 -13.76
CA ALA B 240 6.30 -9.42 -13.44
C ALA B 240 7.15 -9.41 -14.71
N GLN B 241 6.62 -9.95 -15.79
CA GLN B 241 7.34 -9.94 -17.05
C GLN B 241 7.64 -8.50 -17.45
N ILE B 242 6.66 -7.62 -17.31
CA ILE B 242 6.85 -6.23 -17.67
C ILE B 242 7.90 -5.59 -16.76
N LYS B 243 7.89 -5.91 -15.47
CA LYS B 243 8.95 -5.39 -14.61
C LYS B 243 10.32 -5.77 -15.15
N GLU B 244 10.54 -7.08 -15.31
CA GLU B 244 11.84 -7.53 -15.80
C GLU B 244 12.18 -6.91 -17.15
N MET B 245 11.17 -6.59 -17.94
CA MET B 245 11.40 -6.04 -19.27
C MET B 245 11.79 -4.56 -19.27
N VAL B 246 11.15 -3.74 -18.44
CA VAL B 246 11.30 -2.29 -18.57
C VAL B 246 11.90 -1.60 -17.35
N GLU B 247 12.01 -2.26 -16.19
CA GLU B 247 12.49 -1.58 -15.01
C GLU B 247 13.91 -1.06 -15.17
N LEU B 248 14.83 -1.92 -15.58
CA LEU B 248 16.24 -1.54 -15.64
C LEU B 248 16.53 -0.37 -16.57
N PRO B 249 16.04 -0.33 -17.80
CA PRO B 249 16.32 0.84 -18.66
C PRO B 249 15.91 2.15 -18.04
N LEU B 250 14.75 2.18 -17.38
CA LEU B 250 14.25 3.42 -16.81
C LEU B 250 14.94 3.73 -15.48
N ARG B 251 15.13 2.71 -14.66
CA ARG B 251 15.72 2.92 -13.34
C ARG B 251 17.23 3.14 -13.41
N HIS B 252 17.93 2.46 -14.32
CA HIS B 252 19.38 2.59 -14.47
C HIS B 252 19.72 2.79 -15.94
N PRO B 253 19.34 3.95 -16.49
CA PRO B 253 19.66 4.22 -17.91
C PRO B 253 21.15 4.25 -18.19
N ALA B 254 21.96 4.70 -17.23
CA ALA B 254 23.40 4.81 -17.47
C ALA B 254 23.99 3.48 -17.89
N LEU B 255 23.45 2.39 -17.36
CA LEU B 255 23.94 1.07 -17.72
C LEU B 255 23.72 0.76 -19.19
N PHE B 256 22.53 1.05 -19.74
CA PHE B 256 22.37 0.77 -21.15
C PHE B 256 23.10 1.77 -22.04
N LYS B 257 23.22 3.03 -21.64
CA LYS B 257 24.01 3.93 -22.47
C LYS B 257 25.45 3.44 -22.54
N ALA B 258 25.97 2.93 -21.42
CA ALA B 258 27.33 2.40 -21.41
C ALA B 258 27.36 0.98 -21.98
N ILE B 259 26.66 0.05 -21.35
CA ILE B 259 26.63 -1.33 -21.80
C ILE B 259 25.31 -1.61 -22.51
N LYS B 262 20.25 -2.52 -28.05
CA LYS B 262 20.22 -3.64 -27.11
C LYS B 262 18.96 -3.69 -26.25
N PRO B 263 18.57 -2.58 -25.63
CA PRO B 263 17.40 -2.59 -24.76
C PRO B 263 16.12 -2.81 -25.57
N PRO B 264 15.07 -3.32 -24.94
CA PRO B 264 13.79 -3.50 -25.65
C PRO B 264 13.19 -2.14 -25.98
N ARG B 265 12.77 -1.96 -27.23
CA ARG B 265 12.16 -0.72 -27.66
C ARG B 265 10.68 -0.82 -27.97
N GLY B 266 10.14 -2.02 -28.18
CA GLY B 266 8.74 -2.17 -28.49
C GLY B 266 8.06 -3.31 -27.77
N ILE B 267 7.04 -3.00 -26.98
CA ILE B 267 6.26 -4.00 -26.26
C ILE B 267 4.83 -3.86 -26.71
N LEU B 268 4.26 -4.94 -27.21
CA LEU B 268 2.90 -4.95 -27.74
C LEU B 268 1.99 -5.68 -26.75
N LEU B 269 1.22 -4.91 -26.00
CA LEU B 269 0.24 -5.47 -25.08
C LEU B 269 -1.06 -5.67 -25.85
N TYR B 270 -1.55 -6.92 -25.89
CA TYR B 270 -2.78 -7.22 -26.59
C TYR B 270 -3.69 -8.08 -25.75
N GLY B 271 -4.99 -7.95 -26.00
CA GLY B 271 -6.00 -8.69 -25.28
C GLY B 271 -7.36 -8.04 -25.46
N PRO B 272 -8.40 -8.68 -24.94
CA PRO B 272 -9.75 -8.11 -25.07
C PRO B 272 -9.79 -6.69 -24.56
N PRO B 273 -10.60 -5.82 -25.17
CA PRO B 273 -10.65 -4.43 -24.71
C PRO B 273 -11.09 -4.33 -23.27
N GLY B 274 -10.59 -3.31 -22.57
CA GLY B 274 -10.95 -3.10 -21.19
C GLY B 274 -10.19 -3.92 -20.19
N THR B 275 -9.18 -4.68 -20.61
CA THR B 275 -8.42 -5.51 -19.70
C THR B 275 -7.44 -4.71 -18.86
N GLY B 276 -7.49 -3.38 -18.94
CA GLY B 276 -6.62 -2.53 -18.13
C GLY B 276 -5.24 -2.33 -18.69
N LYS B 277 -5.05 -2.49 -20.00
CA LYS B 277 -3.73 -2.27 -20.58
C LYS B 277 -3.22 -0.87 -20.26
N THR B 278 -4.08 0.14 -20.45
CA THR B 278 -3.73 1.50 -20.08
C THR B 278 -3.39 1.55 -18.60
N LEU B 279 -4.15 0.81 -17.80
CA LEU B 279 -3.90 0.79 -16.36
C LEU B 279 -2.50 0.28 -16.10
N ILE B 280 -2.09 -0.78 -16.82
CA ILE B 280 -0.77 -1.36 -16.63
C ILE B 280 0.31 -0.34 -16.96
N ALA B 281 0.18 0.30 -18.12
CA ALA B 281 1.19 1.26 -18.53
C ALA B 281 1.29 2.43 -17.55
N ARG B 282 0.13 2.92 -17.10
CA ARG B 282 0.15 4.03 -16.15
C ARG B 282 0.83 3.62 -14.86
N ALA B 283 0.50 2.44 -14.34
CA ALA B 283 1.12 1.99 -13.10
C ALA B 283 2.62 1.90 -13.25
N VAL B 284 3.07 1.28 -14.34
CA VAL B 284 4.50 1.08 -14.55
C VAL B 284 5.19 2.43 -14.59
N ALA B 285 4.61 3.37 -15.32
CA ALA B 285 5.22 4.70 -15.39
C ALA B 285 5.28 5.34 -14.02
N ASN B 286 4.25 5.14 -13.21
CA ASN B 286 4.20 5.78 -11.90
C ASN B 286 5.29 5.26 -10.96
N GLU B 287 5.44 3.93 -10.84
CA GLU B 287 6.49 3.45 -9.92
C GLU B 287 7.90 3.73 -10.45
N THR B 288 8.10 3.65 -11.75
CA THR B 288 9.44 3.90 -12.26
C THR B 288 9.77 5.37 -12.43
N GLY B 289 8.82 6.27 -12.17
CA GLY B 289 9.12 7.68 -12.31
C GLY B 289 9.45 8.07 -13.73
N ALA B 290 8.77 7.47 -14.70
CA ALA B 290 9.01 7.76 -16.11
C ALA B 290 7.86 8.60 -16.65
N PHE B 291 8.20 9.62 -17.44
CA PHE B 291 7.20 10.48 -18.04
C PHE B 291 6.25 9.64 -18.87
N PHE B 292 4.95 9.90 -18.73
CA PHE B 292 3.91 9.15 -19.41
C PHE B 292 3.23 10.06 -20.44
N PHE B 293 3.05 9.55 -21.65
CA PHE B 293 2.39 10.30 -22.72
C PHE B 293 1.40 9.38 -23.42
N LEU B 294 0.11 9.68 -23.28
CA LEU B 294 -0.94 8.88 -23.87
C LEU B 294 -1.30 9.43 -25.24
N ILE B 295 -1.26 8.57 -26.25
CA ILE B 295 -1.63 8.93 -27.62
C ILE B 295 -2.81 8.04 -27.98
N ASN B 296 -4.01 8.54 -27.79
CA ASN B 296 -5.20 7.77 -28.10
C ASN B 296 -5.34 7.67 -29.61
N GLY B 297 -5.54 6.46 -30.13
CA GLY B 297 -5.67 6.26 -31.55
C GLY B 297 -6.79 7.07 -32.19
N PRO B 298 -7.98 7.01 -31.60
CA PRO B 298 -9.09 7.82 -32.13
C PRO B 298 -8.78 9.30 -32.15
N GLU B 299 -8.06 9.81 -31.16
CA GLU B 299 -7.74 11.24 -31.13
C GLU B 299 -6.93 11.62 -32.37
N ILE B 300 -5.95 10.79 -32.74
CA ILE B 300 -5.14 11.08 -33.93
C ILE B 300 -5.98 10.91 -35.20
N MET B 301 -6.73 9.82 -35.30
CA MET B 301 -7.54 9.61 -36.50
C MET B 301 -8.55 10.73 -36.71
N SER B 302 -9.05 11.32 -35.63
CA SER B 302 -10.02 12.41 -35.76
C SER B 302 -9.41 13.59 -36.51
N LYS B 303 -8.15 13.91 -36.24
CA LYS B 303 -7.51 15.04 -36.91
C LYS B 303 -7.45 14.83 -38.41
N LEU B 304 -7.57 15.93 -39.15
CA LEU B 304 -7.53 15.91 -40.60
C LEU B 304 -6.11 15.59 -41.09
N ALA B 305 -6.02 15.27 -42.37
CA ALA B 305 -4.74 14.93 -42.98
C ALA B 305 -3.70 16.01 -42.72
N GLY B 306 -2.51 15.58 -42.33
CA GLY B 306 -1.41 16.46 -41.99
C GLY B 306 -1.44 16.91 -40.54
N GLU B 307 -2.63 17.25 -40.04
CA GLU B 307 -2.75 17.59 -38.63
C GLU B 307 -2.48 16.39 -37.74
N SER B 308 -3.00 15.22 -38.13
CA SER B 308 -2.80 14.01 -37.34
C SER B 308 -1.34 13.59 -37.31
N GLU B 309 -0.68 13.60 -38.48
CA GLU B 309 0.72 13.21 -38.51
C GLU B 309 1.56 14.20 -37.71
N SER B 310 1.27 15.49 -37.81
CA SER B 310 2.00 16.48 -37.05
C SER B 310 1.81 16.25 -35.55
N ASN B 311 0.59 15.93 -35.13
CA ASN B 311 0.33 15.66 -33.72
C ASN B 311 1.11 14.45 -33.24
N LEU B 312 1.11 13.37 -34.03
CA LEU B 312 1.86 12.18 -33.66
C LEU B 312 3.36 12.47 -33.57
N ARG B 313 3.88 13.19 -34.56
CA ARG B 313 5.29 13.52 -34.58
C ARG B 313 5.67 14.35 -33.36
N LYS B 314 4.88 15.37 -33.06
CA LYS B 314 5.19 16.21 -31.92
C LYS B 314 5.07 15.42 -30.62
N ALA B 315 4.14 14.47 -30.54
CA ALA B 315 4.04 13.66 -29.35
C ALA B 315 5.31 12.85 -29.14
N PHE B 316 5.82 12.20 -30.19
CA PHE B 316 7.08 11.47 -30.04
C PHE B 316 8.22 12.41 -29.68
N GLU B 317 8.29 13.58 -30.33
CA GLU B 317 9.40 14.48 -30.01
C GLU B 317 9.33 14.95 -28.57
N GLU B 318 8.13 15.28 -28.09
CA GLU B 318 7.99 15.71 -26.70
C GLU B 318 8.39 14.60 -25.75
N ALA B 319 7.94 13.37 -26.03
CA ALA B 319 8.32 12.26 -25.18
C ALA B 319 9.83 12.08 -25.16
N GLU B 320 10.47 12.25 -26.31
CA GLU B 320 11.92 12.15 -26.37
C GLU B 320 12.57 13.22 -25.51
N LYS B 321 12.02 14.45 -25.56
CA LYS B 321 12.61 15.53 -24.79
C LYS B 321 12.45 15.32 -23.30
N ASN B 322 11.55 14.43 -22.88
CA ASN B 322 11.33 14.12 -21.48
C ASN B 322 11.90 12.75 -21.11
N ALA B 323 12.96 12.33 -21.81
CA ALA B 323 13.55 11.04 -21.51
C ALA B 323 14.02 11.01 -20.06
N PRO B 324 13.88 9.89 -19.37
CA PRO B 324 13.26 8.63 -19.81
C PRO B 324 11.75 8.82 -19.89
N ALA B 325 11.05 8.20 -20.83
CA ALA B 325 9.61 8.38 -20.95
C ALA B 325 8.98 7.14 -21.55
N ILE B 326 7.69 7.00 -21.31
CA ILE B 326 6.90 5.89 -21.82
C ILE B 326 5.77 6.45 -22.67
N ILE B 327 5.64 5.95 -23.89
CA ILE B 327 4.59 6.35 -24.82
C ILE B 327 3.61 5.19 -24.95
N PHE B 328 2.34 5.45 -24.66
CA PHE B 328 1.31 4.43 -24.74
C PHE B 328 0.42 4.74 -25.95
N ILE B 329 0.56 3.92 -26.99
CA ILE B 329 -0.25 4.06 -28.21
C ILE B 329 -1.49 3.21 -28.00
N ASP B 330 -2.54 3.83 -27.45
CA ASP B 330 -3.78 3.11 -27.21
C ASP B 330 -4.54 2.85 -28.51
N GLU B 331 -5.16 1.67 -28.58
CA GLU B 331 -5.93 1.23 -29.74
C GLU B 331 -5.13 1.36 -31.03
N LEU B 332 -3.98 0.69 -31.06
CA LEU B 332 -3.10 0.76 -32.22
C LEU B 332 -3.80 0.31 -33.49
N ASP B 333 -4.71 -0.66 -33.39
CA ASP B 333 -5.43 -1.10 -34.57
C ASP B 333 -6.22 0.03 -35.19
N ALA B 334 -6.62 1.02 -34.38
CA ALA B 334 -7.35 2.16 -34.92
C ALA B 334 -6.45 3.02 -35.79
N ILE B 335 -5.15 3.06 -35.47
CA ILE B 335 -4.20 3.86 -36.24
C ILE B 335 -3.67 3.10 -37.45
N ALA B 336 -3.28 1.85 -37.26
CA ALA B 336 -2.66 1.04 -38.31
C ALA B 336 -3.39 -0.29 -38.43
N PRO B 337 -4.57 -0.30 -39.05
CA PRO B 337 -5.30 -1.55 -39.23
C PRO B 337 -4.63 -2.38 -40.31
N LYS B 338 -5.14 -3.61 -40.45
CA LYS B 338 -4.65 -4.53 -41.46
C LYS B 338 -4.61 -3.85 -42.83
N ARG B 339 -3.71 -4.32 -43.68
CA ARG B 339 -3.59 -3.75 -45.02
C ARG B 339 -4.91 -3.84 -45.77
N GLU B 340 -5.63 -4.95 -45.62
CA GLU B 340 -6.92 -5.10 -46.30
C GLU B 340 -7.94 -4.08 -45.77
N LYS B 341 -7.92 -3.82 -44.45
CA LYS B 341 -8.90 -2.91 -43.87
C LYS B 341 -8.68 -1.48 -44.35
N THR B 342 -7.44 -1.03 -44.44
CA THR B 342 -7.18 0.34 -44.87
C THR B 342 -7.54 0.53 -46.34
N HIS B 343 -8.28 1.59 -46.63
CA HIS B 343 -8.72 1.91 -47.98
C HIS B 343 -8.61 3.41 -48.22
N GLY B 344 -7.53 4.02 -47.74
CA GLY B 344 -7.34 5.44 -47.90
C GLY B 344 -5.89 5.87 -47.88
N GLU B 345 -5.53 6.79 -48.79
CA GLU B 345 -4.16 7.28 -48.86
C GLU B 345 -3.68 7.88 -47.54
N VAL B 346 -4.53 8.67 -46.87
CA VAL B 346 -4.10 9.32 -45.63
C VAL B 346 -3.76 8.31 -44.54
N GLU B 347 -4.51 7.22 -44.45
CA GLU B 347 -4.19 6.18 -43.47
C GLU B 347 -2.85 5.50 -43.79
N ARG B 348 -2.60 5.16 -45.04
CA ARG B 348 -1.32 4.57 -45.39
C ARG B 348 -0.18 5.56 -45.13
N ARG B 349 -0.43 6.84 -45.38
CA ARG B 349 0.57 7.86 -45.07
C ARG B 349 0.86 7.93 -43.59
N ILE B 350 -0.18 7.91 -42.75
CA ILE B 350 0.04 8.00 -41.31
C ILE B 350 0.77 6.77 -40.82
N VAL B 351 0.43 5.59 -41.36
CA VAL B 351 1.13 4.38 -40.96
C VAL B 351 2.62 4.49 -41.32
N SER B 352 2.91 4.93 -42.55
CA SER B 352 4.30 5.08 -42.95
C SER B 352 5.02 6.08 -42.05
N GLN B 353 4.32 7.14 -41.65
CA GLN B 353 4.95 8.13 -40.79
C GLN B 353 5.27 7.53 -39.43
N LEU B 354 4.36 6.72 -38.90
CA LEU B 354 4.62 6.05 -37.63
C LEU B 354 5.83 5.13 -37.74
N LEU B 355 5.90 4.33 -38.80
CA LEU B 355 7.08 3.48 -38.99
C LEU B 355 8.37 4.29 -39.08
N THR B 356 8.35 5.40 -39.83
CA THR B 356 9.56 6.21 -39.95
C THR B 356 9.98 6.80 -38.61
N LEU B 357 9.02 7.31 -37.83
CA LEU B 357 9.38 7.86 -36.53
C LEU B 357 9.91 6.77 -35.60
N MET B 358 9.21 5.64 -35.54
CA MET B 358 9.67 4.56 -34.69
C MET B 358 11.07 4.10 -35.07
N ASP B 359 11.37 4.07 -36.37
CA ASP B 359 12.72 3.73 -36.78
C ASP B 359 13.70 4.78 -36.29
N GLY B 360 13.30 6.06 -36.36
CA GLY B 360 14.17 7.11 -35.88
C GLY B 360 14.47 7.01 -34.39
N LEU B 361 13.65 6.24 -33.66
CA LEU B 361 13.89 6.03 -32.24
C LEU B 361 15.25 5.38 -31.99
N LYS B 362 15.77 4.64 -32.99
CA LYS B 362 17.04 3.93 -32.79
C LYS B 362 18.14 4.89 -32.36
N GLN B 363 18.29 6.01 -33.05
CA GLN B 363 19.29 6.99 -32.63
C GLN B 363 18.92 7.60 -31.29
N ARG B 364 17.65 7.53 -30.90
CA ARG B 364 17.24 8.00 -29.58
C ARG B 364 17.49 6.90 -28.57
N ALA B 365 17.19 7.16 -27.30
CA ALA B 365 17.36 6.12 -26.31
C ALA B 365 16.54 6.43 -25.06
N HIS B 366 16.35 5.39 -24.26
CA HIS B 366 15.66 5.46 -22.98
C HIS B 366 14.21 5.91 -23.12
N VAL B 367 13.64 5.68 -24.31
CA VAL B 367 12.25 5.96 -24.61
C VAL B 367 11.62 4.61 -24.94
N ILE B 368 10.55 4.27 -24.24
CA ILE B 368 9.87 3.00 -24.44
C ILE B 368 8.47 3.29 -24.97
N VAL B 369 8.15 2.71 -26.11
CA VAL B 369 6.84 2.83 -26.75
C VAL B 369 6.09 1.52 -26.54
N MET B 370 4.87 1.62 -26.03
CA MET B 370 3.98 0.48 -25.87
C MET B 370 2.62 0.80 -26.48
N ALA B 371 1.96 -0.24 -26.98
CA ALA B 371 0.68 -0.06 -27.65
C ALA B 371 -0.30 -1.11 -27.18
N ALA B 372 -1.59 -0.84 -27.41
CA ALA B 372 -2.68 -1.72 -27.04
C ALA B 372 -3.44 -2.19 -28.28
N THR B 373 -3.74 -3.48 -28.34
CA THR B 373 -4.51 -4.04 -29.45
C THR B 373 -5.34 -5.21 -28.93
N ASN B 374 -5.89 -5.98 -29.86
CA ASN B 374 -6.70 -7.14 -29.52
C ASN B 374 -6.04 -8.45 -29.91
N ARG B 375 -5.27 -8.46 -30.99
CA ARG B 375 -4.55 -9.63 -31.46
C ARG B 375 -3.40 -9.13 -32.32
N PRO B 376 -2.24 -9.79 -32.31
CA PRO B 376 -1.15 -9.32 -33.17
C PRO B 376 -1.57 -9.20 -34.63
N ASN B 377 -2.32 -10.17 -35.14
CA ASN B 377 -2.79 -10.09 -36.52
C ASN B 377 -3.77 -8.96 -36.75
N SER B 378 -4.27 -8.33 -35.68
CA SER B 378 -5.18 -7.21 -35.83
C SER B 378 -4.52 -6.04 -36.54
N ILE B 379 -3.28 -5.74 -36.18
CA ILE B 379 -2.53 -4.71 -36.87
C ILE B 379 -1.86 -5.31 -38.09
N ASP B 380 -1.50 -4.44 -39.04
CA ASP B 380 -0.85 -4.89 -40.25
C ASP B 380 0.55 -5.41 -39.94
N PRO B 381 1.09 -6.26 -40.81
CA PRO B 381 2.48 -6.70 -40.63
C PRO B 381 3.46 -5.57 -40.79
N ALA B 382 4.76 -5.90 -40.73
CA ALA B 382 5.85 -4.93 -40.78
C ALA B 382 5.93 -4.10 -39.51
N LEU B 383 4.91 -4.19 -38.65
CA LEU B 383 4.97 -3.51 -37.36
C LEU B 383 5.59 -4.41 -36.30
N ARG B 384 5.49 -5.72 -36.46
CA ARG B 384 6.13 -6.69 -35.60
C ARG B 384 7.51 -7.09 -36.10
N ARG B 385 7.97 -6.51 -37.20
CA ARG B 385 9.32 -6.77 -37.69
C ARG B 385 10.32 -6.48 -36.58
N PHE B 386 11.49 -7.12 -36.66
CA PHE B 386 12.51 -6.92 -35.65
C PHE B 386 12.73 -5.44 -35.40
N GLY B 387 12.95 -5.10 -34.13
CA GLY B 387 13.05 -3.70 -33.76
C GLY B 387 11.70 -3.22 -33.30
N ARG B 388 10.97 -2.61 -34.23
CA ARG B 388 9.65 -2.06 -33.93
C ARG B 388 8.72 -3.14 -33.39
N PHE B 389 8.21 -2.92 -32.18
CA PHE B 389 7.30 -3.86 -31.52
C PHE B 389 7.82 -5.29 -31.64
N ASP B 390 9.08 -5.50 -31.26
CA ASP B 390 9.64 -6.83 -31.41
C ASP B 390 9.22 -7.76 -30.27
N ARG B 391 8.78 -7.21 -29.14
CA ARG B 391 8.36 -8.00 -28.00
C ARG B 391 6.84 -7.95 -27.83
N GLU B 392 6.29 -9.06 -27.36
CA GLU B 392 4.86 -9.22 -27.15
C GLU B 392 4.57 -9.73 -25.74
N VAL B 393 3.35 -9.43 -25.27
CA VAL B 393 2.87 -9.88 -23.97
C VAL B 393 1.37 -10.11 -24.11
N ASP B 394 0.89 -11.18 -23.48
CA ASP B 394 -0.53 -11.55 -23.54
C ASP B 394 -1.17 -11.39 -22.16
N ILE B 395 -1.93 -10.31 -21.98
CA ILE B 395 -2.61 -10.07 -20.72
C ILE B 395 -3.63 -11.16 -20.45
N GLY B 396 -4.37 -11.57 -21.46
CA GLY B 396 -5.35 -12.62 -21.31
C GLY B 396 -6.49 -12.21 -20.39
N ILE B 397 -7.26 -13.20 -20.00
CA ILE B 397 -8.42 -13.02 -19.13
C ILE B 397 -8.03 -13.40 -17.70
N PRO B 398 -8.33 -12.57 -16.70
CA PRO B 398 -8.01 -12.95 -15.33
C PRO B 398 -8.70 -14.26 -14.95
N ASP B 399 -7.99 -15.08 -14.17
CA ASP B 399 -8.51 -16.36 -13.73
C ASP B 399 -9.27 -16.17 -12.42
N ALA B 400 -9.72 -17.28 -11.82
CA ALA B 400 -10.47 -17.18 -10.56
C ALA B 400 -9.69 -16.36 -9.54
N THR B 401 -8.42 -16.70 -9.33
CA THR B 401 -7.62 -15.92 -8.39
C THR B 401 -7.50 -14.48 -8.86
N GLY B 402 -7.33 -14.29 -10.17
CA GLY B 402 -7.22 -12.94 -10.69
C GLY B 402 -8.51 -12.17 -10.48
N ARG B 403 -9.65 -12.80 -10.74
CA ARG B 403 -10.92 -12.12 -10.53
C ARG B 403 -11.09 -11.77 -9.07
N LEU B 404 -10.68 -12.66 -8.18
CA LEU B 404 -10.74 -12.37 -6.75
C LEU B 404 -9.90 -11.15 -6.41
N GLU B 405 -8.66 -11.11 -6.94
CA GLU B 405 -7.79 -9.97 -6.66
C GLU B 405 -8.39 -8.67 -7.18
N ILE B 406 -8.94 -8.70 -8.40
CA ILE B 406 -9.53 -7.51 -8.98
C ILE B 406 -10.72 -7.04 -8.14
N LEU B 407 -11.57 -7.98 -7.73
CA LEU B 407 -12.72 -7.61 -6.91
C LEU B 407 -12.27 -6.98 -5.60
N GLN B 408 -11.27 -7.59 -4.95
CA GLN B 408 -10.75 -7.01 -3.71
C GLN B 408 -10.22 -5.61 -3.95
N ILE B 409 -9.51 -5.43 -5.06
CA ILE B 409 -8.96 -4.12 -5.39
C ILE B 409 -10.06 -3.09 -5.55
N HIS B 410 -11.16 -3.48 -6.21
CA HIS B 410 -12.24 -2.55 -6.46
C HIS B 410 -13.19 -2.40 -5.29
N THR B 411 -13.10 -3.24 -4.26
CA THR B 411 -13.98 -3.16 -3.11
C THR B 411 -13.26 -2.67 -1.87
N LYS B 412 -12.04 -2.16 -2.02
CA LYS B 412 -11.25 -1.72 -0.87
C LYS B 412 -12.03 -0.71 -0.03
N ASN B 413 -12.61 0.30 -0.68
CA ASN B 413 -13.36 1.32 0.03
C ASN B 413 -14.75 0.84 0.42
N MET B 414 -15.31 -0.09 -0.34
CA MET B 414 -16.66 -0.55 -0.10
C MET B 414 -16.76 -1.35 1.20
N LYS B 415 -17.83 -1.11 1.94
CA LYS B 415 -18.13 -1.83 3.18
C LYS B 415 -19.10 -2.94 2.82
N LEU B 416 -18.62 -4.17 2.87
CA LEU B 416 -19.41 -5.35 2.55
C LEU B 416 -19.84 -6.05 3.83
N ALA B 417 -21.07 -6.58 3.81
CA ALA B 417 -21.59 -7.27 4.98
C ALA B 417 -20.79 -8.55 5.23
N ASP B 418 -21.03 -9.14 6.40
CA ASP B 418 -20.30 -10.35 6.78
C ASP B 418 -20.59 -11.50 5.83
N ASP B 419 -21.83 -11.61 5.36
CA ASP B 419 -22.20 -12.66 4.42
C ASP B 419 -21.60 -12.50 3.04
N VAL B 420 -21.06 -11.33 2.71
CA VAL B 420 -20.47 -11.12 1.38
C VAL B 420 -19.09 -11.75 1.35
N ASP B 421 -18.90 -12.72 0.46
CA ASP B 421 -17.60 -13.37 0.29
C ASP B 421 -17.21 -13.28 -1.18
N LEU B 422 -16.13 -12.56 -1.45
CA LEU B 422 -15.69 -12.36 -2.82
C LEU B 422 -15.19 -13.63 -3.50
N GLU B 423 -14.73 -14.63 -2.74
CA GLU B 423 -14.22 -15.86 -3.36
C GLU B 423 -15.31 -16.63 -4.11
N GLN B 424 -16.46 -16.83 -3.46
CA GLN B 424 -17.53 -17.59 -4.10
C GLN B 424 -18.01 -16.92 -5.38
N VAL B 425 -18.21 -15.60 -5.33
CA VAL B 425 -18.66 -14.90 -6.52
C VAL B 425 -17.56 -14.93 -7.59
N ALA B 426 -16.30 -14.71 -7.20
CA ALA B 426 -15.23 -14.77 -8.17
C ALA B 426 -15.23 -16.11 -8.87
N ASN B 427 -15.51 -17.18 -8.13
CA ASN B 427 -15.62 -18.48 -8.77
C ASN B 427 -16.78 -18.51 -9.74
N GLU B 428 -17.91 -17.91 -9.36
CA GLU B 428 -19.07 -17.89 -10.24
C GLU B 428 -18.84 -17.01 -11.48
N THR B 429 -18.20 -15.86 -11.30
CA THR B 429 -18.04 -14.86 -12.37
C THR B 429 -17.10 -15.30 -13.49
N HIS B 430 -17.67 -16.10 -14.39
CA HIS B 430 -16.96 -16.59 -15.55
C HIS B 430 -16.93 -15.55 -16.67
N GLY B 431 -15.76 -15.40 -17.28
CA GLY B 431 -15.57 -14.50 -18.41
C GLY B 431 -15.83 -13.02 -18.19
N HIS B 432 -15.39 -12.48 -17.07
CA HIS B 432 -15.54 -11.06 -16.77
C HIS B 432 -14.20 -10.35 -16.88
N VAL B 433 -14.19 -9.22 -17.56
CA VAL B 433 -12.98 -8.42 -17.71
C VAL B 433 -12.91 -7.45 -16.53
N GLY B 434 -11.71 -6.96 -16.25
CA GLY B 434 -11.54 -6.05 -15.13
C GLY B 434 -12.55 -4.92 -15.16
N ALA B 435 -12.81 -4.36 -16.34
CA ALA B 435 -13.83 -3.32 -16.42
C ALA B 435 -15.18 -3.86 -16.02
N ASP B 436 -15.50 -5.09 -16.47
CA ASP B 436 -16.77 -5.69 -16.10
C ASP B 436 -16.86 -5.92 -14.60
N LEU B 437 -15.78 -6.37 -13.97
CA LEU B 437 -15.80 -6.60 -12.54
C LEU B 437 -16.00 -5.29 -11.79
N ALA B 438 -15.31 -4.24 -12.23
CA ALA B 438 -15.47 -2.93 -11.59
C ALA B 438 -16.92 -2.46 -11.73
N ALA B 439 -17.48 -2.60 -12.92
CA ALA B 439 -18.87 -2.18 -13.13
C ALA B 439 -19.82 -2.99 -12.27
N LEU B 440 -19.57 -4.29 -12.15
CA LEU B 440 -20.44 -5.13 -11.32
C LEU B 440 -20.39 -4.69 -9.86
N CYS B 441 -19.19 -4.43 -9.34
CA CYS B 441 -19.09 -3.95 -7.96
C CYS B 441 -19.82 -2.62 -7.81
N SER B 442 -19.64 -1.72 -8.79
CA SER B 442 -20.31 -0.43 -8.73
C SER B 442 -21.83 -0.61 -8.75
N GLU B 443 -22.32 -1.56 -9.56
CA GLU B 443 -23.75 -1.80 -9.62
C GLU B 443 -24.27 -2.31 -8.29
N ALA B 444 -23.53 -3.21 -7.63
CA ALA B 444 -23.96 -3.67 -6.32
C ALA B 444 -24.01 -2.51 -5.33
N ALA B 445 -22.98 -1.66 -5.36
CA ALA B 445 -22.97 -0.51 -4.48
C ALA B 445 -24.18 0.39 -4.75
N LEU B 446 -24.47 0.61 -6.03
CA LEU B 446 -25.61 1.44 -6.38
C LEU B 446 -26.91 0.82 -5.90
N GLN B 447 -27.01 -0.50 -5.99
CA GLN B 447 -28.21 -1.17 -5.50
C GLN B 447 -28.38 -0.92 -4.00
N ALA B 448 -27.30 -1.04 -3.25
CA ALA B 448 -27.39 -0.76 -1.82
C ALA B 448 -27.78 0.69 -1.55
N ILE B 449 -27.16 1.63 -2.27
CA ILE B 449 -27.46 3.03 -2.00
C ILE B 449 -28.92 3.32 -2.34
N ARG B 450 -29.41 2.82 -3.48
CA ARG B 450 -30.79 3.10 -3.87
C ARG B 450 -31.75 2.50 -2.85
N LYS B 451 -31.42 1.32 -2.33
CA LYS B 451 -32.26 0.71 -1.30
C LYS B 451 -32.31 1.59 -0.06
N LYS B 452 -31.17 2.16 0.33
CA LYS B 452 -31.17 2.99 1.52
C LYS B 452 -31.84 4.35 1.30
N MET B 453 -31.82 4.87 0.06
CA MET B 453 -32.43 6.18 -0.17
C MET B 453 -33.89 6.21 0.24
N ASP B 454 -34.61 5.10 0.03
CA ASP B 454 -36.01 5.06 0.43
C ASP B 454 -36.19 5.45 1.89
N LEU B 455 -35.24 5.12 2.75
CA LEU B 455 -35.34 5.44 4.17
C LEU B 455 -34.92 6.90 4.40
N ILE B 463 -23.30 14.55 1.23
CA ILE B 463 -23.96 13.44 1.90
C ILE B 463 -23.28 13.17 3.24
N ASP B 464 -24.09 12.85 4.25
CA ASP B 464 -23.54 12.56 5.56
C ASP B 464 -22.65 11.33 5.52
N ALA B 465 -21.37 11.52 5.84
CA ALA B 465 -20.44 10.40 5.82
C ALA B 465 -20.85 9.32 6.81
N GLU B 466 -21.46 9.70 7.94
CA GLU B 466 -21.92 8.70 8.89
C GLU B 466 -22.99 7.80 8.28
N VAL B 467 -23.95 8.41 7.57
CA VAL B 467 -24.98 7.61 6.91
C VAL B 467 -24.36 6.74 5.84
N MET B 468 -23.45 7.30 5.06
CA MET B 468 -22.79 6.54 4.00
C MET B 468 -22.08 5.32 4.56
N ASN B 469 -21.30 5.50 5.63
CA ASN B 469 -20.63 4.37 6.27
C ASN B 469 -21.61 3.45 6.98
N SER B 470 -22.80 3.93 7.32
CA SER B 470 -23.78 3.08 7.99
C SER B 470 -24.27 1.97 7.08
N LEU B 471 -24.59 2.29 5.83
CA LEU B 471 -25.06 1.28 4.90
C LEU B 471 -23.92 0.35 4.48
N ALA B 472 -24.23 -0.94 4.37
CA ALA B 472 -23.27 -1.95 3.95
C ALA B 472 -23.88 -2.81 2.86
N VAL B 473 -23.09 -3.10 1.82
CA VAL B 473 -23.55 -3.95 0.74
C VAL B 473 -23.66 -5.38 1.21
N THR B 474 -24.74 -6.06 0.82
CA THR B 474 -25.01 -7.43 1.21
C THR B 474 -24.85 -8.37 0.02
N MET B 475 -24.74 -9.66 0.34
CA MET B 475 -24.61 -10.67 -0.72
C MET B 475 -25.80 -10.66 -1.66
N ASP B 476 -26.98 -10.28 -1.16
CA ASP B 476 -28.13 -10.18 -2.05
C ASP B 476 -27.91 -9.10 -3.10
N ASP B 477 -27.27 -8.00 -2.70
CA ASP B 477 -26.96 -6.95 -3.66
C ASP B 477 -25.99 -7.46 -4.72
N PHE B 478 -24.99 -8.24 -4.31
CA PHE B 478 -24.06 -8.79 -5.27
C PHE B 478 -24.76 -9.78 -6.21
N ARG B 479 -25.63 -10.62 -5.67
CA ARG B 479 -26.34 -11.57 -6.51
C ARG B 479 -27.23 -10.85 -7.52
N TRP B 480 -27.88 -9.77 -7.10
CA TRP B 480 -28.71 -9.00 -8.02
C TRP B 480 -27.87 -8.35 -9.11
N ALA B 481 -26.76 -7.72 -8.73
CA ALA B 481 -25.87 -7.13 -9.72
C ALA B 481 -25.38 -8.20 -10.69
N LEU B 482 -25.03 -9.37 -10.14
CA LEU B 482 -24.60 -10.51 -10.95
C LEU B 482 -25.65 -10.84 -11.99
N SER B 483 -26.92 -10.88 -11.59
CA SER B 483 -27.98 -11.15 -12.54
C SER B 483 -27.99 -10.13 -13.67
N GLN B 484 -27.48 -8.92 -13.40
CA GLN B 484 -27.40 -7.85 -14.38
C GLN B 484 -25.96 -7.62 -14.86
N SER B 485 -25.12 -8.66 -14.77
CA SER B 485 -23.69 -8.50 -15.06
C SER B 485 -23.48 -8.06 -16.50
N ASN B 486 -24.10 -8.74 -17.46
CA ASN B 486 -23.89 -8.44 -18.86
C ASN B 486 -22.41 -8.60 -19.21
N PRO B 487 -21.88 -9.82 -19.22
CA PRO B 487 -20.45 -10.00 -19.51
C PRO B 487 -20.10 -9.54 -20.92
N SER B 488 -18.86 -9.08 -21.07
CA SER B 488 -18.37 -8.55 -22.34
C SER B 488 -17.45 -9.53 -23.07
N ALA B 489 -17.13 -10.66 -22.46
CA ALA B 489 -16.27 -11.65 -23.10
C ALA B 489 -16.77 -13.06 -22.83
#